data_5NMV
#
_entry.id   5NMV
#
_cell.length_a   89.010
_cell.length_b   66.660
_cell.length_c   106.110
_cell.angle_alpha   90.00
_cell.angle_beta   111.18
_cell.angle_gamma   90.00
#
_symmetry.space_group_name_H-M   'C 1 2 1'
#
loop_
_entity.id
_entity.type
_entity.pdbx_description
1 polymer 'Fab light chain'
2 polymer 'Fab heavy chain'
3 polymer 'Tissue factor pathway inhibitor'
4 non-polymer GLYCEROL
5 water water
#
loop_
_entity_poly.entity_id
_entity_poly.type
_entity_poly.pdbx_seq_one_letter_code
_entity_poly.pdbx_strand_id
1 'polypeptide(L)'
;GIVMTQSQKFMSTTVGDRVSITCKASQSVGPAVAWYQQKPGQSPKLLIYSASNRYTGVPDRFTGSGSGADFTLTISNLHS
EDLADYFCQQYTSYPTFGGGTKLEIKRTVAAPSVFIFPPSDEQLKSGTASVVCLLNNFYPREAKVQWKVDNALQSGNSQE
SVTEQDSKDSTYSLSSTLTLSKADYEKHKVYACEVTHQGLSSPVTKSFNRGEC
;
L
2 'polypeptide(L)'
;QVQLKQSGPGLVQPSQSLSITCTVSGFSLTNYGVHWVRQSPGKGLEWLAVIWRGGSIDYNAAFMSRLSITKDNSKSQVFF
KMNSLQADDTAIYYCAKNSHGNYVGYAMDYWGQGTSVTVSSASTKGPSVFPLAPCSRSTSESTAALGCLVKDYFPEPVTV
SWNSGALTSGVHTFPAVLQSSGLYSLSSVVTVPSSSLGTKTYTCNVDHKPSNTKVDKRVESK
;
H
3 'polypeptide(L)'
;GSSGSSGDSEEDEEHTIITDTELPPLKLMHSFCAFKADDGPCKAIMKRFFFNIFTRQCEEFIYGGCEGNQNRFESLEECK
KMCTRD
;
K
#
loop_
_chem_comp.id
_chem_comp.type
_chem_comp.name
_chem_comp.formula
GOL non-polymer GLYCEROL 'C3 H8 O3'
#
# COMPACT_ATOMS: atom_id res chain seq x y z
N GLY A 1 -7.94 -20.81 6.38
CA GLY A 1 -8.36 -19.59 7.14
C GLY A 1 -9.61 -18.91 6.61
N ILE A 2 -10.18 -18.04 7.43
CA ILE A 2 -11.38 -17.32 7.05
C ILE A 2 -11.05 -16.29 5.97
N VAL A 3 -11.89 -16.21 4.95
CA VAL A 3 -11.75 -15.19 3.91
C VAL A 3 -12.73 -14.05 4.21
N MET A 4 -12.21 -12.83 4.30
CA MET A 4 -13.02 -11.64 4.43
C MET A 4 -13.10 -10.94 3.08
N THR A 5 -14.31 -10.79 2.56
CA THR A 5 -14.53 -10.20 1.24
C THR A 5 -15.21 -8.85 1.37
N GLN A 6 -14.53 -7.82 0.86
CA GLN A 6 -15.12 -6.51 0.65
C GLN A 6 -15.42 -6.40 -0.84
N SER A 7 -16.72 -6.49 -1.19
CA SER A 7 -17.16 -6.56 -2.58
C SER A 7 -16.94 -5.27 -3.34
N GLN A 8 -16.74 -4.15 -2.66
CA GLN A 8 -16.58 -2.87 -3.33
C GLN A 8 -15.14 -2.43 -3.19
N LYS A 9 -14.37 -2.52 -4.29
CA LYS A 9 -12.99 -2.07 -4.24
C LYS A 9 -12.94 -0.55 -4.17
N PHE A 10 -13.88 0.11 -4.84
CA PHE A 10 -13.93 1.56 -4.93
C PHE A 10 -15.37 2.00 -4.74
N MET A 11 -15.55 3.06 -3.98
CA MET A 11 -16.84 3.73 -3.90
C MET A 11 -16.63 5.21 -4.15
N SER A 12 -17.50 5.79 -4.97
CA SER A 12 -17.52 7.22 -5.21
C SER A 12 -18.48 7.86 -4.21
N THR A 13 -18.03 8.90 -3.55
N THR A 13 -18.04 8.90 -3.54
CA THR A 13 -18.76 9.47 -2.43
CA THR A 13 -18.81 9.47 -2.46
C THR A 13 -18.77 10.98 -2.57
C THR A 13 -18.74 10.98 -2.54
N THR A 14 -19.51 11.63 -1.68
CA THR A 14 -19.64 13.06 -1.63
C THR A 14 -19.51 13.52 -0.18
N VAL A 15 -18.74 14.58 0.04
CA VAL A 15 -18.62 15.12 1.39
C VAL A 15 -20.00 15.43 1.94
N GLY A 16 -20.25 15.01 3.17
CA GLY A 16 -21.52 15.26 3.83
C GLY A 16 -22.52 14.14 3.69
N ASP A 17 -22.23 13.14 2.89
CA ASP A 17 -23.15 12.03 2.71
C ASP A 17 -22.84 10.91 3.69
N ARG A 18 -23.78 9.98 3.81
CA ARG A 18 -23.55 8.74 4.53
C ARG A 18 -22.90 7.75 3.59
N VAL A 19 -21.96 6.97 4.13
CA VAL A 19 -21.26 5.94 3.35
C VAL A 19 -21.26 4.66 4.17
N SER A 20 -21.58 3.55 3.53
CA SER A 20 -21.60 2.25 4.19
C SER A 20 -20.70 1.28 3.44
N ILE A 21 -19.74 0.70 4.15
CA ILE A 21 -18.79 -0.25 3.62
C ILE A 21 -19.13 -1.62 4.16
N THR A 22 -19.29 -2.59 3.27
CA THR A 22 -19.65 -3.94 3.66
C THR A 22 -18.45 -4.89 3.62
N CYS A 23 -18.55 -5.94 4.41
CA CYS A 23 -17.54 -6.97 4.50
C CYS A 23 -18.26 -8.25 4.88
N LYS A 24 -17.95 -9.34 4.18
CA LYS A 24 -18.58 -10.64 4.43
C LYS A 24 -17.50 -11.67 4.75
N ALA A 25 -17.70 -12.43 5.82
CA ALA A 25 -16.79 -13.51 6.18
C ALA A 25 -17.25 -14.83 5.56
N SER A 26 -16.27 -15.66 5.17
CA SER A 26 -16.58 -16.92 4.52
C SER A 26 -17.31 -17.88 5.44
N GLN A 27 -17.29 -17.62 6.74
CA GLN A 27 -18.12 -18.35 7.68
C GLN A 27 -18.20 -17.52 8.94
N SER A 28 -19.06 -17.95 9.86
CA SER A 28 -19.35 -17.11 11.01
C SER A 28 -18.07 -16.81 11.79
N VAL A 29 -17.93 -15.55 12.20
CA VAL A 29 -16.84 -15.14 13.09
C VAL A 29 -17.37 -14.46 14.35
N GLY A 30 -18.67 -14.58 14.63
CA GLY A 30 -19.24 -13.95 15.80
C GLY A 30 -19.00 -12.46 15.75
N PRO A 31 -18.55 -11.88 16.85
CA PRO A 31 -18.28 -10.44 16.88
C PRO A 31 -16.83 -10.05 16.67
N ALA A 32 -15.93 -10.98 16.40
CA ALA A 32 -14.49 -10.69 16.46
C ALA A 32 -13.99 -10.00 15.18
N VAL A 33 -14.56 -8.83 14.87
CA VAL A 33 -14.24 -8.09 13.64
C VAL A 33 -13.79 -6.67 13.98
N ALA A 34 -12.75 -6.24 13.31
CA ALA A 34 -12.20 -4.89 13.47
C ALA A 34 -12.23 -4.19 12.12
N TRP A 35 -12.20 -2.85 12.17
CA TRP A 35 -12.08 -2.03 10.96
C TRP A 35 -10.87 -1.10 11.06
N TYR A 36 -10.15 -0.93 9.95
CA TYR A 36 -8.98 -0.08 9.88
C TYR A 36 -9.15 0.96 8.77
N GLN A 37 -8.53 2.12 8.98
CA GLN A 37 -8.42 3.15 7.95
C GLN A 37 -6.96 3.29 7.53
N GLN A 38 -6.71 3.48 6.23
CA GLN A 38 -5.33 3.68 5.78
C GLN A 38 -5.27 4.66 4.62
N LYS A 39 -4.31 5.56 4.68
CA LYS A 39 -4.04 6.46 3.58
C LYS A 39 -2.71 6.13 2.95
N PRO A 40 -2.51 6.54 1.70
CA PRO A 40 -1.27 6.20 1.00
C PRO A 40 -0.03 6.65 1.78
N GLY A 41 0.93 5.75 1.87
CA GLY A 41 2.18 6.07 2.51
C GLY A 41 2.18 5.92 4.01
N GLN A 42 1.04 5.58 4.59
CA GLN A 42 0.88 5.53 6.03
C GLN A 42 0.47 4.13 6.47
N SER A 43 0.67 3.88 7.77
CA SER A 43 0.23 2.64 8.34
C SER A 43 -1.26 2.67 8.68
N PRO A 44 -1.89 1.50 8.77
CA PRO A 44 -3.30 1.41 9.20
C PRO A 44 -3.54 2.04 10.55
N LYS A 45 -4.74 2.58 10.71
CA LYS A 45 -5.25 3.07 11.99
C LYS A 45 -6.51 2.30 12.36
N LEU A 46 -6.63 1.94 13.63
CA LEU A 46 -7.76 1.16 14.11
C LEU A 46 -8.96 2.05 14.42
N LEU A 47 -10.12 1.70 13.84
CA LEU A 47 -11.35 2.46 14.00
C LEU A 47 -12.29 1.79 14.97
N ILE A 48 -12.46 0.48 14.82
CA ILE A 48 -13.54 -0.29 15.44
C ILE A 48 -12.96 -1.62 15.83
N TYR A 49 -13.34 -2.11 17.01
CA TYR A 49 -13.03 -3.46 17.42
C TYR A 49 -14.29 -4.13 17.96
N SER A 50 -14.26 -5.46 17.93
CA SER A 50 -15.38 -6.31 18.37
C SER A 50 -16.70 -5.88 17.73
N ALA A 51 -16.60 -5.61 16.43
CA ALA A 51 -17.69 -5.31 15.52
C ALA A 51 -18.26 -3.91 15.66
N SER A 52 -18.43 -3.42 16.89
CA SER A 52 -19.18 -2.20 17.10
C SER A 52 -18.56 -1.23 18.11
N ASN A 53 -17.39 -1.49 18.65
CA ASN A 53 -16.79 -0.60 19.64
C ASN A 53 -15.84 0.37 18.97
N ARG A 54 -16.10 1.68 19.07
CA ARG A 54 -15.13 2.66 18.57
C ARG A 54 -13.87 2.63 19.40
N TYR A 55 -12.74 2.66 18.71
CA TYR A 55 -11.47 2.79 19.35
C TYR A 55 -11.30 4.21 19.89
N THR A 56 -10.37 4.34 20.84
CA THR A 56 -10.08 5.59 21.53
C THR A 56 -9.91 6.75 20.57
N GLY A 57 -10.73 7.80 20.75
CA GLY A 57 -10.62 9.04 19.99
C GLY A 57 -11.23 9.04 18.60
N VAL A 58 -11.73 7.89 18.13
CA VAL A 58 -12.34 7.83 16.79
C VAL A 58 -13.58 8.70 16.75
N PRO A 59 -13.78 9.51 15.71
CA PRO A 59 -14.98 10.37 15.64
C PRO A 59 -16.29 9.58 15.73
N ASP A 60 -17.28 10.22 16.38
N ASP A 60 -17.28 10.14 16.44
CA ASP A 60 -18.58 9.62 16.63
CA ASP A 60 -18.49 9.34 16.64
C ASP A 60 -19.27 9.16 15.36
C ASP A 60 -19.42 9.34 15.40
N ARG A 61 -18.94 9.81 14.24
CA ARG A 61 -19.63 9.56 12.99
C ARG A 61 -19.30 8.18 12.39
N PHE A 62 -18.35 7.44 12.98
CA PHE A 62 -18.07 6.08 12.60
C PHE A 62 -18.85 5.11 13.47
N THR A 63 -19.57 4.19 12.83
CA THR A 63 -20.30 3.10 13.50
CA THR A 63 -20.22 3.10 13.55
C THR A 63 -19.95 1.79 12.84
N GLY A 64 -19.74 0.76 13.64
CA GLY A 64 -19.59 -0.59 13.14
C GLY A 64 -20.84 -1.37 13.54
N SER A 65 -21.30 -2.24 12.66
CA SER A 65 -22.43 -3.08 12.95
C SER A 65 -22.18 -4.45 12.37
N GLY A 66 -22.98 -5.42 12.81
CA GLY A 66 -22.95 -6.75 12.25
C GLY A 66 -22.55 -7.83 13.23
N SER A 67 -22.94 -9.06 12.91
CA SER A 67 -22.48 -10.24 13.60
C SER A 67 -22.55 -11.43 12.64
N GLY A 68 -21.96 -12.54 13.06
CA GLY A 68 -21.95 -13.71 12.22
C GLY A 68 -21.03 -13.57 11.04
N ALA A 69 -21.60 -13.33 9.86
CA ALA A 69 -20.77 -13.26 8.65
C ALA A 69 -20.86 -11.92 7.93
N ASP A 70 -21.76 -11.01 8.30
CA ASP A 70 -21.95 -9.78 7.55
C ASP A 70 -21.73 -8.56 8.44
N PHE A 71 -20.85 -7.66 8.00
CA PHE A 71 -20.39 -6.54 8.80
C PHE A 71 -20.37 -5.27 7.96
N THR A 72 -20.62 -4.15 8.62
CA THR A 72 -20.76 -2.87 7.95
C THR A 72 -20.10 -1.77 8.78
N LEU A 73 -19.28 -0.97 8.12
CA LEU A 73 -18.75 0.27 8.67
C LEU A 73 -19.53 1.42 8.04
N THR A 74 -20.10 2.26 8.87
CA THR A 74 -20.88 3.39 8.38
C THR A 74 -20.26 4.69 8.85
N ILE A 75 -20.09 5.63 7.92
CA ILE A 75 -19.73 7.00 8.24
C ILE A 75 -20.98 7.81 8.01
N SER A 76 -21.47 8.46 9.05
CA SER A 76 -22.76 9.13 8.90
C SER A 76 -22.68 10.47 8.17
N ASN A 77 -21.50 11.11 8.09
CA ASN A 77 -21.36 12.47 7.55
C ASN A 77 -19.93 12.57 7.01
N LEU A 78 -19.75 12.16 5.77
CA LEU A 78 -18.39 12.01 5.26
C LEU A 78 -17.64 13.34 5.31
N HIS A 79 -16.48 13.33 5.95
CA HIS A 79 -15.54 14.45 5.91
C HIS A 79 -14.43 14.18 4.89
N SER A 80 -13.86 15.25 4.34
CA SER A 80 -12.73 15.13 3.42
C SER A 80 -11.62 14.26 3.98
N GLU A 81 -11.32 14.42 5.27
CA GLU A 81 -10.26 13.64 5.91
C GLU A 81 -10.58 12.16 6.02
N ASP A 82 -11.82 11.74 5.72
CA ASP A 82 -12.18 10.33 5.74
C ASP A 82 -11.91 9.63 4.41
N LEU A 83 -11.52 10.36 3.36
CA LEU A 83 -11.19 9.73 2.09
C LEU A 83 -9.94 8.89 2.29
N ALA A 84 -10.09 7.58 2.11
CA ALA A 84 -9.07 6.65 2.56
C ALA A 84 -9.46 5.24 2.13
N ASP A 85 -8.58 4.30 2.39
CA ASP A 85 -8.86 2.89 2.24
C ASP A 85 -9.34 2.35 3.58
N TYR A 86 -10.30 1.43 3.53
CA TYR A 86 -10.87 0.83 4.74
C TYR A 86 -10.83 -0.69 4.61
N PHE A 87 -10.34 -1.36 5.67
CA PHE A 87 -10.14 -2.81 5.70
C PHE A 87 -10.87 -3.36 6.91
N CYS A 88 -11.59 -4.46 6.71
CA CYS A 88 -12.11 -5.26 7.82
C CYS A 88 -11.10 -6.35 8.18
N GLN A 89 -11.25 -6.89 9.38
CA GLN A 89 -10.33 -7.90 9.89
C GLN A 89 -11.09 -8.79 10.85
N GLN A 90 -10.93 -10.10 10.73
CA GLN A 90 -11.44 -11.01 11.74
C GLN A 90 -10.27 -11.64 12.48
N TYR A 91 -10.52 -12.05 13.74
CA TYR A 91 -9.48 -12.66 14.56
C TYR A 91 -10.11 -13.81 15.35
N THR A 92 -10.36 -14.93 14.65
CA THR A 92 -10.82 -16.14 15.30
C THR A 92 -9.70 -17.17 15.40
N SER A 93 -9.45 -17.90 14.32
CA SER A 93 -8.32 -18.83 14.29
C SER A 93 -7.00 -18.05 14.17
N TYR A 94 -7.01 -16.99 13.39
CA TYR A 94 -5.88 -16.07 13.29
C TYR A 94 -6.35 -14.86 12.51
N PRO A 95 -5.61 -13.75 12.57
CA PRO A 95 -6.10 -12.55 11.88
C PRO A 95 -6.05 -12.69 10.37
N THR A 96 -7.16 -12.40 9.71
CA THR A 96 -7.16 -12.16 8.27
C THR A 96 -7.93 -10.88 7.96
N PHE A 97 -7.57 -10.27 6.82
CA PHE A 97 -8.03 -8.96 6.42
C PHE A 97 -8.83 -9.01 5.12
N GLY A 98 -9.80 -8.12 5.01
CA GLY A 98 -10.45 -7.92 3.73
C GLY A 98 -9.50 -7.23 2.73
N GLY A 99 -9.96 -7.18 1.46
CA GLY A 99 -9.18 -6.63 0.35
C GLY A 99 -9.11 -5.12 0.28
N GLY A 100 -9.96 -4.43 1.03
CA GLY A 100 -9.98 -2.97 1.08
C GLY A 100 -11.07 -2.36 0.23
N THR A 101 -11.60 -1.24 0.70
CA THR A 101 -12.52 -0.40 -0.04
C THR A 101 -11.95 1.00 -0.02
N LYS A 102 -11.69 1.56 -1.21
CA LYS A 102 -11.13 2.90 -1.33
C LYS A 102 -12.25 3.88 -1.62
N LEU A 103 -12.41 4.88 -0.75
CA LEU A 103 -13.35 5.95 -1.03
C LEU A 103 -12.72 7.02 -1.93
N GLU A 104 -13.47 7.45 -2.92
N GLU A 104 -13.42 7.38 -3.02
CA GLU A 104 -13.03 8.54 -3.77
CA GLU A 104 -13.03 8.49 -3.87
C GLU A 104 -14.15 9.56 -3.85
C GLU A 104 -14.15 9.54 -3.89
N ILE A 105 -13.79 10.75 -4.31
CA ILE A 105 -14.75 11.85 -4.48
C ILE A 105 -15.37 11.74 -5.86
N LYS A 106 -16.70 11.77 -5.90
CA LYS A 106 -17.40 11.89 -7.16
C LYS A 106 -17.28 13.32 -7.68
N ARG A 107 -17.07 13.45 -8.99
CA ARG A 107 -17.06 14.76 -9.64
C ARG A 107 -17.58 14.58 -11.05
N THR A 108 -17.68 15.68 -11.78
CA THR A 108 -18.16 15.62 -13.16
C THR A 108 -17.13 14.97 -14.06
N VAL A 109 -17.59 14.50 -15.22
CA VAL A 109 -16.65 13.91 -16.16
C VAL A 109 -15.71 14.98 -16.68
N ALA A 110 -14.45 14.59 -16.85
CA ALA A 110 -13.43 15.47 -17.40
C ALA A 110 -12.61 14.68 -18.41
N ALA A 111 -12.57 15.15 -19.64
CA ALA A 111 -11.71 14.54 -20.65
C ALA A 111 -10.23 14.79 -20.31
N PRO A 112 -9.34 13.85 -20.65
CA PRO A 112 -7.91 14.10 -20.50
C PRO A 112 -7.37 15.11 -21.50
N SER A 113 -6.37 15.88 -21.06
CA SER A 113 -5.52 16.61 -21.97
C SER A 113 -4.36 15.69 -22.31
N VAL A 114 -4.09 15.48 -23.60
CA VAL A 114 -3.17 14.42 -24.00
C VAL A 114 -1.91 15.06 -24.59
N PHE A 115 -0.75 14.56 -24.16
CA PHE A 115 0.54 15.04 -24.65
C PHE A 115 1.42 13.84 -25.00
N ILE A 116 2.31 14.01 -25.98
CA ILE A 116 3.25 12.95 -26.33
C ILE A 116 4.65 13.52 -26.39
N PHE A 117 5.60 12.79 -25.78
CA PHE A 117 6.97 13.24 -25.59
C PHE A 117 7.90 12.30 -26.34
N PRO A 118 8.64 12.79 -27.34
CA PRO A 118 9.60 11.93 -28.03
C PRO A 118 10.74 11.55 -27.11
N PRO A 119 11.50 10.53 -27.46
CA PRO A 119 12.74 10.29 -26.71
C PRO A 119 13.71 11.42 -26.92
N SER A 120 14.47 11.69 -25.86
CA SER A 120 15.50 12.70 -25.90
C SER A 120 16.73 12.21 -26.65
N ASP A 121 17.39 13.14 -27.36
CA ASP A 121 18.65 12.78 -28.00
C ASP A 121 19.65 12.22 -27.01
N GLU A 122 19.63 12.72 -25.78
CA GLU A 122 20.53 12.19 -24.76
C GLU A 122 20.30 10.70 -24.56
N GLN A 123 19.03 10.30 -24.42
CA GLN A 123 18.75 8.88 -24.24
C GLN A 123 19.11 8.07 -25.49
N LEU A 124 18.77 8.57 -26.66
CA LEU A 124 19.07 7.82 -27.89
C LEU A 124 20.55 7.51 -27.99
N LYS A 125 21.42 8.45 -27.59
CA LYS A 125 22.85 8.16 -27.61
C LYS A 125 23.14 6.78 -27.04
N SER A 126 22.37 6.35 -26.02
CA SER A 126 22.71 5.17 -25.23
C SER A 126 21.99 3.88 -25.65
N GLY A 127 21.24 3.88 -26.75
CA GLY A 127 20.76 2.62 -27.33
C GLY A 127 19.29 2.33 -27.15
N THR A 128 18.55 3.14 -26.40
CA THR A 128 17.17 2.88 -26.05
C THR A 128 16.35 4.13 -26.30
N ALA A 129 15.09 3.93 -26.71
CA ALA A 129 14.16 5.03 -26.94
C ALA A 129 12.92 4.82 -26.07
N SER A 130 12.61 5.81 -25.25
CA SER A 130 11.38 5.82 -24.47
C SER A 130 10.47 6.89 -25.05
N VAL A 131 9.28 6.51 -25.49
CA VAL A 131 8.27 7.44 -25.92
C VAL A 131 7.21 7.51 -24.83
N VAL A 132 6.79 8.72 -24.44
CA VAL A 132 5.89 8.85 -23.29
C VAL A 132 4.62 9.58 -23.71
N CYS A 133 3.49 9.07 -23.22
CA CYS A 133 2.18 9.68 -23.47
C CYS A 133 1.60 10.06 -22.12
N LEU A 134 1.23 11.34 -21.97
CA LEU A 134 0.58 11.82 -20.75
C LEU A 134 -0.91 12.05 -21.02
N LEU A 135 -1.76 11.49 -20.13
CA LEU A 135 -3.18 11.77 -20.08
C LEU A 135 -3.39 12.56 -18.80
N ASN A 136 -3.75 13.83 -18.93
CA ASN A 136 -3.70 14.73 -17.79
C ASN A 136 -5.08 15.12 -17.32
N ASN A 137 -5.32 14.88 -16.02
CA ASN A 137 -6.43 15.44 -15.24
C ASN A 137 -7.78 15.06 -15.86
N PHE A 138 -8.08 13.78 -15.76
CA PHE A 138 -9.32 13.25 -16.30
C PHE A 138 -10.15 12.62 -15.18
N TYR A 139 -11.40 12.41 -15.47
CA TYR A 139 -12.29 11.72 -14.56
C TYR A 139 -13.45 11.12 -15.35
N PRO A 140 -13.83 9.86 -15.11
CA PRO A 140 -13.33 8.93 -14.09
C PRO A 140 -12.04 8.26 -14.46
N ARG A 141 -11.65 7.29 -13.63
CA ARG A 141 -10.33 6.71 -13.71
C ARG A 141 -10.13 5.85 -14.95
N GLU A 142 -11.19 5.26 -15.49
N GLU A 142 -11.20 5.23 -15.46
CA GLU A 142 -11.05 4.29 -16.57
CA GLU A 142 -11.06 4.36 -16.61
C GLU A 142 -10.62 5.01 -17.86
C GLU A 142 -10.51 5.15 -17.79
N ALA A 143 -9.51 4.58 -18.43
CA ALA A 143 -8.95 5.19 -19.64
C ALA A 143 -8.14 4.13 -20.37
N LYS A 144 -8.02 4.30 -21.68
CA LYS A 144 -7.31 3.32 -22.51
C LYS A 144 -6.34 4.06 -23.43
N VAL A 145 -5.10 3.59 -23.47
CA VAL A 145 -4.07 4.11 -24.37
C VAL A 145 -3.72 3.03 -25.38
N GLN A 146 -3.74 3.38 -26.65
CA GLN A 146 -3.28 2.51 -27.73
C GLN A 146 -2.10 3.17 -28.43
N TRP A 147 -0.96 2.48 -28.45
CA TRP A 147 0.22 2.98 -29.16
C TRP A 147 0.24 2.50 -30.62
N LYS A 148 0.59 3.40 -31.54
CA LYS A 148 0.73 3.05 -32.94
C LYS A 148 2.06 3.58 -33.47
N VAL A 149 2.78 2.74 -34.21
CA VAL A 149 4.04 3.10 -34.85
C VAL A 149 3.85 2.86 -36.35
N ASP A 150 3.83 3.95 -37.13
CA ASP A 150 3.52 3.86 -38.56
C ASP A 150 2.24 3.05 -38.78
N ASN A 151 1.24 3.31 -37.92
CA ASN A 151 -0.08 2.68 -37.97
C ASN A 151 -0.07 1.25 -37.51
N ALA A 152 1.07 0.71 -37.12
CA ALA A 152 1.12 -0.62 -36.53
C ALA A 152 0.72 -0.55 -35.06
N LEU A 153 -0.26 -1.34 -34.69
CA LEU A 153 -0.71 -1.41 -33.32
C LEU A 153 0.36 -2.10 -32.46
N GLN A 154 0.80 -1.43 -31.40
CA GLN A 154 1.78 -1.99 -30.48
C GLN A 154 1.07 -2.74 -29.35
N SER A 155 1.61 -3.90 -29.00
CA SER A 155 1.06 -4.73 -27.95
C SER A 155 2.22 -5.33 -27.17
N GLY A 156 2.29 -5.06 -25.88
CA GLY A 156 3.22 -5.75 -25.02
C GLY A 156 4.52 -5.02 -24.75
N ASN A 157 4.73 -3.86 -25.36
CA ASN A 157 5.97 -3.10 -25.20
C ASN A 157 5.73 -1.75 -24.54
N SER A 158 4.65 -1.63 -23.76
CA SER A 158 4.41 -0.41 -23.01
C SER A 158 4.08 -0.76 -21.55
N GLN A 159 4.28 0.23 -20.69
CA GLN A 159 3.89 0.14 -19.28
C GLN A 159 3.26 1.46 -18.89
N GLU A 160 2.32 1.42 -17.94
CA GLU A 160 1.65 2.64 -17.54
C GLU A 160 1.46 2.68 -16.03
N SER A 161 1.25 3.88 -15.52
CA SER A 161 0.84 4.03 -14.13
C SER A 161 -0.04 5.25 -14.02
N VAL A 162 -0.79 5.27 -12.91
CA VAL A 162 -1.84 6.26 -12.66
C VAL A 162 -1.64 6.88 -11.29
N THR A 163 -1.88 8.18 -11.21
CA THR A 163 -1.83 8.89 -9.95
C THR A 163 -3.14 8.67 -9.18
N GLU A 164 -3.04 8.84 -7.87
CA GLU A 164 -4.21 8.91 -7.01
C GLU A 164 -5.01 10.15 -7.34
N GLN A 165 -6.26 10.17 -6.89
CA GLN A 165 -7.11 11.33 -7.14
C GLN A 165 -6.44 12.61 -6.62
N ASP A 166 -6.51 13.66 -7.42
CA ASP A 166 -5.85 14.91 -7.08
C ASP A 166 -6.56 15.58 -5.92
N SER A 167 -5.75 16.03 -4.94
CA SER A 167 -6.26 16.68 -3.74
C SER A 167 -6.95 18.01 -4.01
N LYS A 168 -6.70 18.62 -5.15
CA LYS A 168 -7.29 19.92 -5.48
C LYS A 168 -8.49 19.84 -6.43
N ASP A 169 -8.43 19.03 -7.49
CA ASP A 169 -9.51 18.96 -8.47
C ASP A 169 -10.11 17.57 -8.67
N SER A 170 -9.66 16.59 -7.90
CA SER A 170 -10.29 15.27 -7.87
C SER A 170 -10.14 14.49 -9.16
N THR A 171 -9.19 14.83 -10.03
CA THR A 171 -8.95 14.07 -11.24
C THR A 171 -7.82 13.08 -11.08
N TYR A 172 -7.66 12.26 -12.11
CA TYR A 172 -6.56 11.33 -12.26
C TYR A 172 -5.69 11.77 -13.42
N SER A 173 -4.43 11.32 -13.39
CA SER A 173 -3.57 11.42 -14.55
C SER A 173 -2.92 10.08 -14.82
N LEU A 174 -2.44 9.88 -16.06
CA LEU A 174 -1.88 8.59 -16.43
C LEU A 174 -0.66 8.82 -17.31
N SER A 175 0.37 8.01 -17.11
CA SER A 175 1.59 8.04 -17.91
C SER A 175 1.82 6.67 -18.52
N SER A 176 2.06 6.64 -19.81
CA SER A 176 2.35 5.39 -20.50
C SER A 176 3.68 5.56 -21.21
N THR A 177 4.54 4.55 -21.14
CA THR A 177 5.85 4.57 -21.78
C THR A 177 5.94 3.40 -22.75
N LEU A 178 6.24 3.72 -24.01
CA LEU A 178 6.54 2.75 -25.05
C LEU A 178 8.05 2.65 -25.12
N THR A 179 8.58 1.45 -25.03
CA THR A 179 10.02 1.29 -25.03
C THR A 179 10.45 0.51 -26.28
N LEU A 180 11.33 1.13 -27.08
CA LEU A 180 11.91 0.47 -28.24
C LEU A 180 13.43 0.59 -28.19
N SER A 181 14.10 -0.25 -28.97
CA SER A 181 15.54 -0.03 -29.15
C SER A 181 15.75 1.16 -30.08
N LYS A 182 16.90 1.79 -29.96
CA LYS A 182 17.23 2.89 -30.87
C LYS A 182 17.15 2.44 -32.32
N ALA A 183 17.65 1.25 -32.62
CA ALA A 183 17.59 0.76 -34.00
C ALA A 183 16.16 0.71 -34.49
N ASP A 184 15.25 0.14 -33.70
CA ASP A 184 13.85 0.05 -34.11
C ASP A 184 13.22 1.42 -34.23
N TYR A 185 13.48 2.30 -33.25
CA TYR A 185 12.90 3.63 -33.26
C TYR A 185 13.29 4.38 -34.53
N GLU A 186 14.53 4.20 -34.98
CA GLU A 186 14.99 4.86 -36.19
C GLU A 186 14.46 4.21 -37.46
N LYS A 187 13.81 3.06 -37.37
CA LYS A 187 13.24 2.40 -38.55
C LYS A 187 11.88 2.94 -38.93
N HIS A 188 11.29 3.81 -38.11
CA HIS A 188 9.91 4.23 -38.32
C HIS A 188 9.82 5.74 -38.12
N LYS A 189 8.72 6.29 -38.63
CA LYS A 189 8.50 7.71 -38.70
C LYS A 189 7.45 8.19 -37.70
N VAL A 190 6.24 7.63 -37.74
CA VAL A 190 5.09 8.21 -37.04
C VAL A 190 4.84 7.46 -35.73
N TYR A 191 4.92 8.20 -34.62
CA TYR A 191 4.70 7.68 -33.28
C TYR A 191 3.44 8.32 -32.72
N ALA A 192 2.45 7.50 -32.39
CA ALA A 192 1.14 8.03 -32.03
C ALA A 192 0.60 7.33 -30.78
N CYS A 193 -0.06 8.10 -29.93
CA CYS A 193 -0.78 7.60 -28.78
CA CYS A 193 -0.81 7.52 -28.83
C CYS A 193 -2.25 7.95 -28.95
N GLU A 194 -3.13 6.95 -28.95
CA GLU A 194 -4.57 7.13 -29.12
C GLU A 194 -5.24 6.88 -27.78
N VAL A 195 -6.01 7.86 -27.33
CA VAL A 195 -6.62 7.84 -26.01
C VAL A 195 -8.13 7.69 -26.16
N THR A 196 -8.69 6.72 -25.44
CA THR A 196 -10.13 6.54 -25.32
C THR A 196 -10.57 6.86 -23.90
N HIS A 197 -11.56 7.73 -23.75
CA HIS A 197 -12.07 8.08 -22.43
C HIS A 197 -13.50 8.56 -22.55
N GLN A 198 -14.25 8.37 -21.46
CA GLN A 198 -15.67 8.69 -21.44
C GLN A 198 -15.94 10.15 -21.79
N GLY A 199 -15.04 11.05 -21.44
CA GLY A 199 -15.21 12.46 -21.71
C GLY A 199 -14.86 12.89 -23.11
N LEU A 200 -14.47 11.93 -23.95
CA LEU A 200 -14.10 12.18 -25.33
C LEU A 200 -15.14 11.55 -26.24
N SER A 201 -15.77 12.37 -27.10
CA SER A 201 -16.81 11.85 -27.97
C SER A 201 -16.25 10.78 -28.90
N SER A 202 -14.99 10.89 -29.26
CA SER A 202 -14.32 9.91 -30.08
C SER A 202 -12.84 9.97 -29.72
N PRO A 203 -12.08 8.90 -29.97
CA PRO A 203 -10.69 8.85 -29.51
C PRO A 203 -9.84 9.98 -30.05
N VAL A 204 -8.90 10.43 -29.21
CA VAL A 204 -7.97 11.49 -29.53
C VAL A 204 -6.61 10.88 -29.76
N THR A 205 -5.92 11.34 -30.80
CA THR A 205 -4.57 10.88 -31.10
C THR A 205 -3.60 12.06 -31.10
N LYS A 206 -2.50 11.91 -30.39
CA LYS A 206 -1.39 12.83 -30.47
C LYS A 206 -0.21 12.07 -31.05
N SER A 207 0.53 12.73 -31.93
CA SER A 207 1.59 12.06 -32.66
C SER A 207 2.71 13.05 -32.95
N PHE A 208 3.89 12.49 -33.24
CA PHE A 208 4.99 13.23 -33.84
C PHE A 208 5.67 12.36 -34.89
N ASN A 209 6.42 13.02 -35.76
CA ASN A 209 7.25 12.36 -36.76
C ASN A 209 8.69 12.43 -36.32
N ARG A 210 9.31 11.28 -36.15
CA ARG A 210 10.72 11.26 -35.78
C ARG A 210 11.48 12.18 -36.74
N GLY A 211 12.12 13.19 -36.18
CA GLY A 211 12.66 14.28 -36.97
C GLY A 211 11.85 15.54 -36.72
N GLU A 212 11.20 16.02 -37.76
CA GLU A 212 10.13 17.01 -37.66
C GLU A 212 9.70 17.30 -36.21
N GLN B 1 2.51 8.07 25.36
CA GLN B 1 2.29 8.10 23.87
C GLN B 1 2.98 6.92 23.22
N VAL B 2 2.20 6.06 22.55
CA VAL B 2 2.73 4.82 22.00
C VAL B 2 3.42 5.06 20.65
N GLN B 3 4.60 4.48 20.49
CA GLN B 3 5.34 4.48 19.23
C GLN B 3 5.98 3.10 19.00
N LEU B 4 6.03 2.69 17.73
CA LEU B 4 6.78 1.50 17.31
C LEU B 4 7.66 1.94 16.15
N LYS B 5 8.96 1.85 16.33
CA LYS B 5 9.94 2.33 15.34
C LYS B 5 10.70 1.14 14.79
N GLN B 6 10.60 0.92 13.47
CA GLN B 6 11.25 -0.19 12.81
C GLN B 6 12.60 0.24 12.22
N SER B 7 13.55 -0.69 12.25
CA SER B 7 14.87 -0.51 11.70
C SER B 7 15.32 -1.83 11.08
N GLY B 8 16.21 -1.72 10.09
CA GLY B 8 16.67 -2.90 9.40
C GLY B 8 16.61 -2.69 7.89
N PRO B 9 17.52 -3.31 7.16
CA PRO B 9 17.57 -3.09 5.72
C PRO B 9 16.45 -3.85 5.01
N GLY B 10 15.83 -3.19 4.02
CA GLY B 10 14.75 -3.80 3.28
C GLY B 10 15.13 -4.50 1.97
N LEU B 11 16.31 -4.26 1.45
CA LEU B 11 16.74 -4.97 0.24
C LEU B 11 17.25 -6.37 0.62
N VAL B 12 16.66 -7.40 0.02
CA VAL B 12 16.99 -8.80 0.32
C VAL B 12 17.22 -9.55 -0.99
N GLN B 13 18.38 -10.18 -1.14
CA GLN B 13 18.63 -10.99 -2.34
C GLN B 13 17.84 -12.30 -2.29
N PRO B 14 17.56 -12.88 -3.45
CA PRO B 14 16.77 -14.13 -3.50
C PRO B 14 17.26 -15.21 -2.54
N SER B 15 16.33 -15.71 -1.74
CA SER B 15 16.52 -16.80 -0.77
CA SER B 15 16.52 -16.80 -0.78
C SER B 15 17.34 -16.39 0.44
N GLN B 16 17.64 -15.10 0.60
CA GLN B 16 18.31 -14.62 1.79
C GLN B 16 17.26 -14.28 2.84
N SER B 17 17.73 -13.89 4.03
CA SER B 17 16.89 -13.56 5.18
C SER B 17 16.58 -12.07 5.34
N LEU B 18 15.41 -11.78 5.91
CA LEU B 18 14.99 -10.45 6.30
C LEU B 18 15.02 -10.33 7.81
N SER B 19 15.64 -9.26 8.32
CA SER B 19 15.70 -8.98 9.75
C SER B 19 15.24 -7.56 10.03
N ILE B 20 14.26 -7.41 10.92
CA ILE B 20 13.72 -6.11 11.30
C ILE B 20 13.68 -6.05 12.81
N THR B 21 14.07 -4.90 13.37
CA THR B 21 13.93 -4.60 14.79
C THR B 21 12.80 -3.59 14.95
N CYS B 22 11.88 -3.91 15.86
CA CYS B 22 10.79 -3.04 16.26
C CYS B 22 11.12 -2.54 17.66
N THR B 23 11.31 -1.24 17.82
CA THR B 23 11.60 -0.65 19.12
C THR B 23 10.38 0.12 19.59
N VAL B 24 9.82 -0.28 20.73
CA VAL B 24 8.53 0.22 21.16
C VAL B 24 8.72 1.19 22.32
N SER B 25 7.78 2.12 22.45
CA SER B 25 7.79 3.06 23.56
C SER B 25 6.35 3.40 23.91
N GLY B 26 6.14 3.81 25.16
CA GLY B 26 4.79 4.08 25.65
C GLY B 26 4.06 2.88 26.17
N PHE B 27 4.61 1.68 26.02
CA PHE B 27 4.03 0.46 26.56
C PHE B 27 5.16 -0.54 26.77
N SER B 28 4.88 -1.58 27.55
CA SER B 28 5.88 -2.58 27.88
C SER B 28 5.60 -3.85 27.13
N LEU B 29 6.65 -4.45 26.56
CA LEU B 29 6.53 -5.81 26.03
C LEU B 29 6.23 -6.84 27.12
N THR B 30 6.34 -6.45 28.40
CA THR B 30 5.93 -7.34 29.48
C THR B 30 4.42 -7.36 29.67
N ASN B 31 3.69 -6.51 28.95
CA ASN B 31 2.24 -6.44 29.09
C ASN B 31 1.48 -6.65 27.80
N TYR B 32 2.12 -6.55 26.64
CA TYR B 32 1.42 -6.58 25.35
C TYR B 32 2.10 -7.54 24.39
N GLY B 33 1.32 -8.24 23.60
CA GLY B 33 1.85 -8.88 22.41
C GLY B 33 2.15 -7.91 21.28
N VAL B 34 3.07 -8.30 20.40
CA VAL B 34 3.40 -7.52 19.20
C VAL B 34 3.25 -8.43 17.98
N HIS B 35 2.41 -8.00 17.03
CA HIS B 35 2.12 -8.72 15.81
C HIS B 35 3.08 -8.27 14.70
N TRP B 36 3.21 -9.11 13.69
CA TRP B 36 3.93 -8.80 12.44
C TRP B 36 2.98 -9.08 11.27
N VAL B 37 2.78 -8.06 10.42
CA VAL B 37 1.83 -8.10 9.31
C VAL B 37 2.55 -7.51 8.11
N ARG B 38 2.26 -8.04 6.93
CA ARG B 38 2.83 -7.46 5.72
C ARG B 38 1.71 -7.05 4.77
N GLN B 39 2.06 -6.17 3.84
CA GLN B 39 1.11 -5.61 2.90
C GLN B 39 1.74 -5.52 1.52
N SER B 40 1.06 -6.08 0.53
CA SER B 40 1.57 -6.05 -0.82
C SER B 40 0.40 -5.80 -1.75
N PRO B 41 0.65 -5.22 -2.91
CA PRO B 41 -0.43 -5.05 -3.88
C PRO B 41 -1.10 -6.35 -4.24
N GLY B 42 -0.37 -7.45 -4.26
CA GLY B 42 -0.90 -8.69 -4.80
C GLY B 42 -1.70 -9.47 -3.78
N LYS B 43 -1.24 -9.50 -2.53
CA LYS B 43 -1.82 -10.30 -1.47
C LYS B 43 -2.46 -9.45 -0.39
N GLY B 44 -2.45 -8.11 -0.54
CA GLY B 44 -3.02 -7.23 0.48
C GLY B 44 -2.34 -7.43 1.82
N LEU B 45 -3.10 -7.21 2.91
CA LEU B 45 -2.59 -7.38 4.26
C LEU B 45 -2.62 -8.85 4.67
N GLU B 46 -1.47 -9.36 5.11
CA GLU B 46 -1.31 -10.75 5.54
C GLU B 46 -0.63 -10.76 6.90
N TRP B 47 -1.28 -11.35 7.86
CA TRP B 47 -0.69 -11.50 9.19
C TRP B 47 0.29 -12.65 9.21
N LEU B 48 1.42 -12.46 9.89
CA LEU B 48 2.48 -13.47 9.89
C LEU B 48 2.65 -14.19 11.23
N ALA B 49 2.57 -13.47 12.36
CA ALA B 49 2.88 -14.02 13.69
C ALA B 49 2.69 -12.94 14.75
N VAL B 50 2.64 -13.38 16.01
CA VAL B 50 2.55 -12.51 17.17
C VAL B 50 3.43 -13.13 18.25
N ILE B 51 4.14 -12.28 19.00
CA ILE B 51 4.90 -12.73 20.15
C ILE B 51 4.23 -12.15 21.39
N TRP B 52 3.76 -13.02 22.27
CA TRP B 52 3.01 -12.61 23.44
C TRP B 52 3.97 -12.21 24.56
N ARG B 53 3.43 -11.71 25.68
CA ARG B 53 4.29 -11.05 26.65
C ARG B 53 5.28 -12.01 27.31
N GLY B 54 4.89 -13.26 27.53
CA GLY B 54 5.85 -14.21 28.06
C GLY B 54 6.73 -14.90 27.03
N GLY B 55 6.72 -14.46 25.78
CA GLY B 55 7.57 -15.02 24.75
C GLY B 55 6.92 -16.10 23.88
N SER B 56 5.72 -16.55 24.22
CA SER B 56 5.03 -17.54 23.40
C SER B 56 4.66 -16.92 22.05
N ILE B 57 4.74 -17.72 21.00
CA ILE B 57 4.48 -17.22 19.65
C ILE B 57 3.31 -17.99 19.05
N ASP B 58 2.41 -17.26 18.37
CA ASP B 58 1.45 -17.86 17.46
C ASP B 58 1.88 -17.51 16.04
N TYR B 59 1.83 -18.49 15.14
CA TYR B 59 2.28 -18.30 13.75
C TYR B 59 1.14 -18.46 12.75
N ASN B 60 1.31 -17.81 11.59
CA ASN B 60 0.59 -18.18 10.39
C ASN B 60 1.20 -19.47 9.87
N ALA B 61 0.39 -20.51 9.69
CA ALA B 61 0.94 -21.82 9.33
C ALA B 61 1.74 -21.76 8.02
N ALA B 62 1.39 -20.85 7.13
CA ALA B 62 2.07 -20.81 5.83
C ALA B 62 3.49 -20.28 5.94
N PHE B 63 3.81 -19.57 7.02
CA PHE B 63 5.12 -18.97 7.23
C PHE B 63 5.90 -19.56 8.40
N MET B 64 5.26 -20.43 9.21
CA MET B 64 5.86 -20.83 10.48
C MET B 64 7.28 -21.41 10.35
N SER B 65 7.53 -22.25 9.33
CA SER B 65 8.82 -22.91 9.21
C SER B 65 9.96 -21.95 8.87
N ARG B 66 9.68 -20.75 8.39
CA ARG B 66 10.78 -19.83 8.10
C ARG B 66 10.73 -18.55 8.92
N LEU B 67 9.99 -18.54 10.04
CA LEU B 67 9.89 -17.36 10.90
C LEU B 67 10.59 -17.60 12.23
N SER B 68 11.33 -16.60 12.66
CA SER B 68 11.95 -16.55 13.98
C SER B 68 11.61 -15.22 14.63
N ILE B 69 10.91 -15.25 15.76
CA ILE B 69 10.55 -14.04 16.49
C ILE B 69 11.15 -14.12 17.89
N THR B 70 11.95 -13.12 18.26
CA THR B 70 12.51 -13.04 19.60
C THR B 70 12.34 -11.62 20.12
N LYS B 71 12.66 -11.40 21.39
CA LYS B 71 12.54 -10.05 21.92
C LYS B 71 13.43 -9.87 23.15
N ASP B 72 13.66 -8.60 23.48
CA ASP B 72 14.41 -8.19 24.67
C ASP B 72 13.50 -7.20 25.40
N ASN B 73 12.81 -7.67 26.45
CA ASN B 73 11.93 -6.78 27.20
C ASN B 73 12.67 -5.54 27.70
N SER B 74 13.84 -5.74 28.30
CA SER B 74 14.57 -4.63 28.92
CA SER B 74 14.57 -4.64 28.92
C SER B 74 14.86 -3.52 27.93
N LYS B 75 15.02 -3.86 26.65
CA LYS B 75 15.35 -2.86 25.65
C LYS B 75 14.14 -2.44 24.82
N SER B 76 12.95 -2.99 25.15
CA SER B 76 11.73 -2.66 24.42
C SER B 76 11.88 -2.97 22.95
N GLN B 77 12.51 -4.11 22.65
CA GLN B 77 12.83 -4.49 21.27
C GLN B 77 12.24 -5.85 20.92
N VAL B 78 11.59 -5.93 19.75
CA VAL B 78 11.19 -7.21 19.16
C VAL B 78 12.00 -7.42 17.88
N PHE B 79 12.51 -8.64 17.70
CA PHE B 79 13.34 -9.00 16.55
C PHE B 79 12.60 -9.99 15.64
N PHE B 80 12.31 -9.53 14.41
CA PHE B 80 11.65 -10.33 13.38
C PHE B 80 12.68 -10.84 12.39
N LYS B 81 12.66 -12.16 12.12
CA LYS B 81 13.47 -12.70 11.04
C LYS B 81 12.65 -13.69 10.21
N MET B 82 12.74 -13.57 8.88
CA MET B 82 12.09 -14.50 7.96
C MET B 82 13.15 -15.02 6.98
N ASN B 83 13.22 -16.34 6.85
CA ASN B 83 14.22 -16.95 5.96
C ASN B 83 13.71 -17.21 4.55
N SER B 84 14.66 -17.36 3.64
CA SER B 84 14.45 -17.78 2.24
C SER B 84 13.41 -16.95 1.50
N LEU B 85 13.62 -15.62 1.44
CA LEU B 85 12.63 -14.79 0.78
C LEU B 85 12.65 -15.02 -0.73
N GLN B 86 11.46 -14.99 -1.33
CA GLN B 86 11.29 -15.11 -2.76
C GLN B 86 10.66 -13.83 -3.28
N ALA B 87 10.60 -13.68 -4.61
CA ALA B 87 10.13 -12.42 -5.17
C ALA B 87 8.76 -12.06 -4.62
N ASP B 88 7.91 -13.07 -4.37
CA ASP B 88 6.56 -12.84 -3.88
C ASP B 88 6.52 -12.50 -2.37
N ASP B 89 7.67 -12.31 -1.73
CA ASP B 89 7.76 -11.78 -0.37
C ASP B 89 8.06 -10.27 -0.36
N THR B 90 8.22 -9.66 -1.53
CA THR B 90 8.30 -8.21 -1.61
C THR B 90 7.01 -7.61 -1.08
N ALA B 91 7.14 -6.70 -0.11
CA ALA B 91 6.00 -6.14 0.59
C ALA B 91 6.49 -5.13 1.62
N ILE B 92 5.57 -4.37 2.19
CA ILE B 92 5.87 -3.58 3.37
C ILE B 92 5.55 -4.44 4.60
N TYR B 93 6.52 -4.55 5.50
CA TYR B 93 6.41 -5.32 6.74
C TYR B 93 6.21 -4.38 7.91
N TYR B 94 5.25 -4.70 8.76
CA TYR B 94 4.91 -3.90 9.92
C TYR B 94 4.96 -4.73 11.18
N CYS B 95 5.41 -4.11 12.27
CA CYS B 95 5.05 -4.55 13.59
C CYS B 95 3.85 -3.75 14.09
N ALA B 96 3.09 -4.35 15.02
CA ALA B 96 1.89 -3.70 15.52
C ALA B 96 1.54 -4.24 16.90
N LYS B 97 1.15 -3.31 17.76
CA LYS B 97 0.78 -3.64 19.14
C LYS B 97 -0.59 -4.30 19.19
N ASN B 98 -0.70 -5.32 20.02
CA ASN B 98 -2.00 -5.93 20.29
C ASN B 98 -2.88 -4.95 21.05
N SER B 99 -4.14 -4.80 20.63
CA SER B 99 -5.02 -3.82 21.25
C SER B 99 -5.33 -4.18 22.71
N HIS B 100 -5.51 -5.47 22.99
CA HIS B 100 -6.08 -5.96 24.26
C HIS B 100 -5.03 -6.79 24.99
N GLY B 101 -4.08 -6.09 25.58
CA GLY B 101 -3.07 -6.72 26.43
C GLY B 101 -2.46 -7.97 25.83
N ASN B 102 -2.61 -9.07 26.55
CA ASN B 102 -2.06 -10.35 26.11
C ASN B 102 -3.12 -11.30 25.59
N TYR B 103 -4.27 -10.78 25.15
CA TYR B 103 -5.39 -11.61 24.73
C TYR B 103 -5.51 -11.77 23.22
N VAL B 104 -5.83 -13.00 22.80
CA VAL B 104 -6.16 -13.37 21.41
C VAL B 104 -7.56 -12.87 21.07
N GLY B 105 -7.74 -12.36 19.86
CA GLY B 105 -9.08 -12.24 19.31
C GLY B 105 -9.58 -10.82 19.08
N TYR B 106 -8.72 -9.80 19.16
CA TYR B 106 -9.16 -8.42 19.03
C TYR B 106 -8.42 -7.80 17.85
N ALA B 107 -7.62 -6.77 18.06
CA ALA B 107 -7.13 -5.94 16.95
C ALA B 107 -5.71 -5.49 17.25
N MET B 108 -5.21 -4.61 16.38
CA MET B 108 -3.84 -4.12 16.45
C MET B 108 -3.95 -2.60 16.43
N ASP B 109 -3.69 -1.94 17.58
CA ASP B 109 -4.10 -0.54 17.65
C ASP B 109 -2.99 0.44 17.24
N TYR B 110 -1.72 0.12 17.44
CA TYR B 110 -0.63 1.02 17.04
C TYR B 110 0.35 0.25 16.17
N TRP B 111 0.74 0.85 15.04
CA TRP B 111 1.52 0.19 14.00
C TRP B 111 2.85 0.91 13.84
N GLY B 112 3.90 0.15 13.58
CA GLY B 112 5.16 0.73 13.16
C GLY B 112 4.98 1.43 11.82
N GLN B 113 6.02 2.19 11.43
CA GLN B 113 5.97 2.96 10.19
C GLN B 113 6.14 2.09 8.95
N GLY B 114 6.58 0.86 9.13
CA GLY B 114 6.73 -0.07 8.04
C GLY B 114 8.16 -0.13 7.52
N THR B 115 8.51 -1.28 6.95
CA THR B 115 9.79 -1.51 6.27
C THR B 115 9.45 -2.01 4.87
N SER B 116 9.88 -1.26 3.87
CA SER B 116 9.67 -1.62 2.46
CA SER B 116 9.66 -1.65 2.48
C SER B 116 10.73 -2.65 2.08
N VAL B 117 10.32 -3.89 1.81
CA VAL B 117 11.22 -4.99 1.52
C VAL B 117 11.13 -5.30 0.06
N THR B 118 12.28 -5.31 -0.61
CA THR B 118 12.39 -5.67 -2.03
C THR B 118 13.24 -6.93 -2.14
N VAL B 119 12.70 -7.97 -2.77
CA VAL B 119 13.42 -9.21 -2.97
C VAL B 119 13.87 -9.26 -4.42
N SER B 120 15.17 -9.11 -4.63
CA SER B 120 15.69 -8.93 -5.97
C SER B 120 17.20 -9.06 -5.94
N SER B 121 17.76 -9.52 -7.05
CA SER B 121 19.19 -9.62 -7.22
C SER B 121 19.79 -8.42 -7.97
N ALA B 122 18.97 -7.45 -8.36
CA ALA B 122 19.48 -6.30 -9.10
C ALA B 122 20.51 -5.55 -8.28
N SER B 123 21.47 -4.93 -8.99
CA SER B 123 22.47 -4.10 -8.34
C SER B 123 21.88 -2.71 -8.09
N THR B 124 22.15 -2.16 -6.92
CA THR B 124 21.82 -0.77 -6.62
C THR B 124 22.42 0.17 -7.67
N LYS B 125 21.62 1.11 -8.16
CA LYS B 125 22.03 1.94 -9.29
C LYS B 125 21.20 3.21 -9.29
N GLY B 126 21.87 4.34 -9.46
CA GLY B 126 21.19 5.60 -9.62
C GLY B 126 20.59 5.80 -11.02
N PRO B 127 19.62 6.70 -11.11
CA PRO B 127 18.90 6.86 -12.37
C PRO B 127 19.67 7.72 -13.36
N SER B 128 19.34 7.52 -14.63
CA SER B 128 19.54 8.52 -15.66
C SER B 128 18.26 9.36 -15.74
N VAL B 129 18.42 10.66 -15.91
CA VAL B 129 17.29 11.58 -15.97
C VAL B 129 17.24 12.21 -17.34
N PHE B 130 16.12 12.05 -18.01
CA PHE B 130 16.00 12.54 -19.38
C PHE B 130 14.88 13.56 -19.45
N PRO B 131 14.98 14.56 -20.33
CA PRO B 131 13.91 15.55 -20.45
C PRO B 131 12.71 15.01 -21.20
N LEU B 132 11.53 15.46 -20.78
CA LEU B 132 10.28 15.21 -21.49
C LEU B 132 9.79 16.56 -22.04
N ALA B 133 9.85 16.73 -23.37
CA ALA B 133 9.46 17.98 -23.99
C ALA B 133 8.75 17.63 -25.30
N PRO B 134 7.55 18.14 -25.54
CA PRO B 134 6.86 17.78 -26.79
C PRO B 134 7.56 18.36 -28.02
N CYS B 135 7.35 17.68 -29.14
N CYS B 135 7.39 17.68 -29.14
CA CYS B 135 7.82 18.14 -30.44
CA CYS B 135 7.87 18.23 -30.42
C CYS B 135 7.16 19.46 -30.86
C CYS B 135 7.20 19.56 -30.73
N SER B 136 5.89 19.64 -30.51
CA SER B 136 5.14 20.82 -30.88
C SER B 136 3.92 20.92 -29.96
N ARG B 137 3.27 22.07 -30.03
CA ARG B 137 1.94 22.24 -29.45
C ARG B 137 1.15 23.11 -30.39
N SER B 138 -0.14 23.28 -30.08
CA SER B 138 -0.95 24.24 -30.82
C SER B 138 -0.68 25.65 -30.31
N THR B 139 -0.67 26.61 -31.24
CA THR B 139 -0.56 28.02 -30.89
C THR B 139 -1.76 28.50 -30.07
N SER B 140 -2.86 27.76 -30.07
N SER B 140 -2.86 27.76 -30.07
CA SER B 140 -4.03 28.14 -29.29
CA SER B 140 -4.03 28.15 -29.28
C SER B 140 -4.00 27.59 -27.87
C SER B 140 -4.00 27.59 -27.86
N GLU B 141 -3.02 26.77 -27.50
CA GLU B 141 -2.95 26.17 -26.16
C GLU B 141 -2.23 27.10 -25.18
N SER B 142 -2.93 27.56 -24.15
CA SER B 142 -2.32 28.46 -23.19
C SER B 142 -1.55 27.72 -22.10
N THR B 143 -1.71 26.39 -22.06
CA THR B 143 -0.95 25.52 -21.18
C THR B 143 -0.09 24.55 -21.96
N ALA B 144 1.10 24.28 -21.42
CA ALA B 144 2.05 23.37 -22.02
C ALA B 144 2.52 22.35 -20.98
N ALA B 145 3.01 21.22 -21.47
CA ALA B 145 3.51 20.15 -20.61
C ALA B 145 5.00 19.91 -20.83
N LEU B 146 5.67 19.59 -19.74
CA LEU B 146 7.03 19.10 -19.76
C LEU B 146 7.23 18.15 -18.58
N GLY B 147 8.41 17.54 -18.53
CA GLY B 147 8.65 16.59 -17.46
C GLY B 147 10.06 16.07 -17.49
N CYS B 148 10.29 15.09 -16.63
CA CYS B 148 11.53 14.33 -16.58
CA CYS B 148 11.51 14.32 -16.74
C CYS B 148 11.21 12.85 -16.47
N LEU B 149 11.95 12.04 -17.19
CA LEU B 149 11.89 10.59 -17.14
C LEU B 149 13.10 10.11 -16.33
N VAL B 150 12.81 9.45 -15.22
CA VAL B 150 13.79 9.00 -14.23
C VAL B 150 13.93 7.50 -14.41
N LYS B 151 14.94 7.09 -15.17
CA LYS B 151 14.97 5.75 -15.73
C LYS B 151 16.12 4.93 -15.17
N ASP B 152 15.85 3.64 -14.99
CA ASP B 152 16.84 2.58 -14.73
C ASP B 152 17.53 2.79 -13.39
N TYR B 153 16.74 2.86 -12.33
CA TYR B 153 17.31 2.93 -11.00
C TYR B 153 16.84 1.73 -10.21
N PHE B 154 17.62 1.42 -9.16
CA PHE B 154 17.26 0.36 -8.22
C PHE B 154 17.92 0.61 -6.88
N PRO B 155 17.25 0.36 -5.76
CA PRO B 155 15.83 0.04 -5.60
C PRO B 155 15.03 1.32 -5.47
N GLU B 156 13.71 1.16 -5.21
CA GLU B 156 12.87 2.26 -4.79
C GLU B 156 13.35 2.79 -3.44
N PRO B 157 13.05 4.06 -3.11
CA PRO B 157 12.33 5.06 -3.90
C PRO B 157 13.23 6.16 -4.50
N VAL B 158 12.65 7.01 -5.35
CA VAL B 158 13.22 8.29 -5.74
C VAL B 158 12.23 9.37 -5.35
N THR B 159 12.76 10.55 -5.04
CA THR B 159 11.93 11.72 -4.86
C THR B 159 12.23 12.70 -5.99
N VAL B 160 11.17 13.37 -6.46
CA VAL B 160 11.29 14.39 -7.50
C VAL B 160 10.58 15.65 -7.01
N SER B 161 11.25 16.78 -7.14
CA SER B 161 10.64 18.07 -6.95
C SER B 161 10.93 18.89 -8.21
N TRP B 162 10.26 20.05 -8.30
CA TRP B 162 10.45 20.98 -9.41
C TRP B 162 10.88 22.34 -8.86
N ASN B 163 11.90 22.92 -9.48
CA ASN B 163 12.40 24.25 -9.11
C ASN B 163 12.67 24.30 -7.61
N SER B 164 13.31 23.25 -7.10
CA SER B 164 13.77 23.19 -5.71
C SER B 164 12.59 23.34 -4.75
N GLY B 165 11.44 22.83 -5.16
CA GLY B 165 10.25 22.84 -4.34
C GLY B 165 9.35 24.04 -4.54
N ALA B 166 9.80 25.06 -5.27
CA ALA B 166 8.99 26.24 -5.49
C ALA B 166 7.82 26.01 -6.44
N LEU B 167 7.89 24.99 -7.27
CA LEU B 167 6.86 24.72 -8.26
C LEU B 167 6.15 23.44 -7.81
N THR B 168 4.94 23.58 -7.27
CA THR B 168 4.14 22.43 -6.86
C THR B 168 2.85 22.29 -7.65
N SER B 169 2.26 23.40 -8.05
CA SER B 169 1.01 23.40 -8.79
C SER B 169 1.19 22.75 -10.15
N GLY B 170 0.25 21.87 -10.51
CA GLY B 170 0.30 21.19 -11.80
C GLY B 170 1.28 20.04 -11.89
N VAL B 171 1.99 19.69 -10.83
CA VAL B 171 2.95 18.60 -10.89
C VAL B 171 2.24 17.27 -10.70
N HIS B 172 2.60 16.26 -11.50
CA HIS B 172 2.24 14.88 -11.25
C HIS B 172 3.49 14.02 -11.32
N THR B 173 3.84 13.40 -10.20
CA THR B 173 4.90 12.42 -10.17
C THR B 173 4.27 11.05 -10.01
N PHE B 174 4.54 10.18 -10.95
CA PHE B 174 3.79 8.95 -11.19
C PHE B 174 4.41 7.80 -10.41
N PRO B 175 3.61 6.78 -10.07
CA PRO B 175 4.20 5.54 -9.54
C PRO B 175 5.23 4.97 -10.51
N ALA B 176 6.34 4.51 -9.96
CA ALA B 176 7.29 3.83 -10.80
C ALA B 176 6.73 2.51 -11.32
N VAL B 177 7.28 2.07 -12.45
CA VAL B 177 7.08 0.72 -12.97
C VAL B 177 8.38 -0.04 -12.89
N LEU B 178 8.26 -1.35 -12.71
CA LEU B 178 9.39 -2.27 -12.72
C LEU B 178 9.52 -2.85 -14.11
N GLN B 179 10.67 -2.61 -14.73
CA GLN B 179 10.97 -3.05 -16.08
C GLN B 179 11.49 -4.49 -16.08
N SER B 180 11.47 -5.10 -17.29
CA SER B 180 12.01 -6.45 -17.47
C SER B 180 13.41 -6.58 -16.93
N SER B 181 14.19 -5.51 -16.96
CA SER B 181 15.59 -5.50 -16.55
C SER B 181 15.75 -5.65 -15.06
N GLY B 182 14.66 -5.52 -14.29
CA GLY B 182 14.76 -5.46 -12.86
C GLY B 182 14.97 -4.08 -12.30
N LEU B 183 15.03 -3.07 -13.17
CA LEU B 183 15.20 -1.68 -12.75
C LEU B 183 13.90 -0.90 -12.89
N TYR B 184 13.77 0.14 -12.08
CA TYR B 184 12.56 0.97 -12.08
C TYR B 184 12.68 2.15 -13.03
N SER B 185 11.52 2.65 -13.44
CA SER B 185 11.43 3.85 -14.25
C SER B 185 10.21 4.63 -13.82
N LEU B 186 10.37 5.95 -13.72
CA LEU B 186 9.31 6.81 -13.29
C LEU B 186 9.30 8.09 -14.09
N SER B 187 8.12 8.66 -14.29
CA SER B 187 8.01 9.98 -14.89
C SER B 187 7.44 10.99 -13.91
N SER B 188 7.89 12.23 -14.07
CA SER B 188 7.32 13.37 -13.38
C SER B 188 7.07 14.49 -14.39
N VAL B 189 5.84 14.99 -14.39
CA VAL B 189 5.41 15.99 -15.35
C VAL B 189 4.88 17.21 -14.61
N VAL B 190 4.82 18.32 -15.35
CA VAL B 190 4.18 19.53 -14.86
C VAL B 190 3.57 20.23 -16.06
N THR B 191 2.40 20.82 -15.89
CA THR B 191 1.85 21.74 -16.87
C THR B 191 2.06 23.17 -16.39
N VAL B 192 2.40 24.05 -17.33
CA VAL B 192 2.77 25.43 -17.03
C VAL B 192 2.21 26.32 -18.12
N PRO B 193 2.17 27.63 -17.91
CA PRO B 193 1.70 28.52 -18.96
C PRO B 193 2.64 28.47 -20.15
N SER B 194 2.04 28.37 -21.33
CA SER B 194 2.81 28.37 -22.56
C SER B 194 3.65 29.63 -22.70
N SER B 195 3.14 30.78 -22.24
CA SER B 195 3.87 32.04 -22.36
C SER B 195 5.06 32.11 -21.42
N SER B 196 5.22 31.11 -20.55
CA SER B 196 6.33 31.13 -19.61
C SER B 196 7.56 30.41 -20.16
N LEU B 197 7.38 29.62 -21.22
CA LEU B 197 8.42 28.72 -21.66
C LEU B 197 9.68 29.47 -22.12
N GLY B 198 9.51 30.62 -22.77
CA GLY B 198 10.67 31.39 -23.19
C GLY B 198 11.41 32.13 -22.09
N THR B 199 10.76 32.37 -20.94
CA THR B 199 11.30 33.29 -19.95
C THR B 199 11.46 32.70 -18.55
N LYS B 200 10.96 31.50 -18.29
CA LYS B 200 11.14 30.84 -17.01
C LYS B 200 11.88 29.54 -17.19
N THR B 201 12.67 29.16 -16.18
CA THR B 201 13.36 27.89 -16.22
C THR B 201 12.61 26.87 -15.38
N TYR B 202 12.67 25.63 -15.84
CA TYR B 202 12.02 24.50 -15.17
C TYR B 202 13.06 23.41 -14.99
N THR B 203 13.31 23.07 -13.74
CA THR B 203 14.34 22.12 -13.36
C THR B 203 13.69 21.05 -12.49
N CYS B 204 13.93 19.80 -12.82
CA CYS B 204 13.46 18.72 -11.95
C CYS B 204 14.63 18.29 -11.06
N ASN B 205 14.35 18.12 -9.76
CA ASN B 205 15.35 17.77 -8.75
C ASN B 205 15.09 16.32 -8.34
N VAL B 206 16.03 15.45 -8.67
CA VAL B 206 15.89 14.01 -8.46
C VAL B 206 16.87 13.57 -7.38
N ASP B 207 16.38 12.81 -6.40
CA ASP B 207 17.21 12.27 -5.32
C ASP B 207 16.92 10.78 -5.20
N HIS B 208 17.96 9.97 -5.35
CA HIS B 208 17.89 8.52 -5.16
C HIS B 208 18.84 8.22 -4.00
N LYS B 209 18.29 8.23 -2.80
CA LYS B 209 19.14 8.04 -1.61
C LYS B 209 19.88 6.71 -1.60
N PRO B 210 19.30 5.58 -1.98
CA PRO B 210 20.05 4.32 -1.93
C PRO B 210 21.40 4.35 -2.67
N SER B 211 21.51 5.09 -3.77
CA SER B 211 22.78 5.22 -4.49
C SER B 211 23.49 6.55 -4.20
N ASN B 212 22.95 7.37 -3.30
CA ASN B 212 23.45 8.72 -3.06
C ASN B 212 23.65 9.48 -4.37
N THR B 213 22.64 9.40 -5.25
CA THR B 213 22.59 10.09 -6.54
C THR B 213 21.57 11.23 -6.47
N LYS B 214 22.06 12.45 -6.65
CA LYS B 214 21.20 13.62 -6.83
C LYS B 214 21.51 14.29 -8.17
N VAL B 215 20.44 14.62 -8.91
CA VAL B 215 20.54 15.23 -10.23
C VAL B 215 19.54 16.36 -10.28
N ASP B 216 19.99 17.51 -10.79
CA ASP B 216 19.12 18.65 -11.12
C ASP B 216 19.18 18.83 -12.63
N LYS B 217 18.04 18.62 -13.29
CA LYS B 217 17.95 18.60 -14.76
C LYS B 217 17.06 19.73 -15.24
N ARG B 218 17.65 20.72 -15.90
CA ARG B 218 16.86 21.75 -16.55
C ARG B 218 16.25 21.18 -17.83
N VAL B 219 14.97 21.44 -18.04
CA VAL B 219 14.24 20.92 -19.17
C VAL B 219 13.88 22.06 -20.10
N GLU B 220 14.32 21.96 -21.35
CA GLU B 220 14.06 22.97 -22.37
C GLU B 220 12.86 22.60 -23.23
N SER B 221 11.97 23.58 -23.39
CA SER B 221 10.75 23.58 -24.19
C SER B 221 10.02 22.26 -24.31
N GLU C 22 -1.23 6.94 29.57
CA GLU C 22 -1.55 5.57 29.98
C GLU C 22 -2.74 5.07 29.17
N LEU C 23 -2.78 3.76 28.95
N LEU C 23 -2.75 3.76 28.92
CA LEU C 23 -3.66 3.17 27.96
CA LEU C 23 -3.66 3.20 27.94
C LEU C 23 -5.01 2.85 28.57
C LEU C 23 -5.00 2.87 28.58
N PRO C 24 -6.11 3.37 28.02
CA PRO C 24 -7.41 3.12 28.63
C PRO C 24 -7.81 1.66 28.47
N PRO C 25 -8.61 1.14 29.40
CA PRO C 25 -9.08 -0.24 29.28
C PRO C 25 -10.06 -0.35 28.13
N LEU C 26 -9.94 -1.45 27.42
CA LEU C 26 -10.80 -1.73 26.28
C LEU C 26 -11.75 -2.84 26.66
N LYS C 27 -12.91 -2.87 25.99
CA LYS C 27 -13.95 -3.82 26.33
C LYS C 27 -13.53 -5.22 25.92
N LEU C 28 -13.77 -6.18 26.81
CA LEU C 28 -13.41 -7.58 26.57
C LEU C 28 -14.65 -8.40 26.21
N MET C 29 -14.41 -9.50 25.50
CA MET C 29 -15.47 -10.37 24.97
C MET C 29 -15.49 -11.65 25.83
N HIS C 30 -16.42 -11.71 26.78
CA HIS C 30 -16.38 -12.85 27.69
C HIS C 30 -16.85 -14.14 27.02
N SER C 31 -17.59 -14.04 25.91
CA SER C 31 -17.90 -15.23 25.13
C SER C 31 -16.65 -15.95 24.60
N PHE C 32 -15.49 -15.27 24.54
CA PHE C 32 -14.28 -15.95 24.12
C PHE C 32 -13.90 -17.09 25.08
N CYS C 33 -14.42 -17.09 26.30
CA CYS C 33 -14.14 -18.19 27.22
C CYS C 33 -14.92 -19.46 26.95
N ALA C 34 -15.85 -19.47 25.99
CA ALA C 34 -16.83 -20.54 25.85
C ALA C 34 -16.48 -21.57 24.80
N PHE C 35 -15.46 -21.33 23.98
CA PHE C 35 -15.10 -22.29 22.93
C PHE C 35 -14.49 -23.54 23.54
N LYS C 36 -14.59 -24.64 22.79
CA LYS C 36 -13.83 -25.84 23.13
C LYS C 36 -12.35 -25.59 22.89
N ALA C 37 -11.51 -26.32 23.63
CA ALA C 37 -10.07 -26.21 23.41
C ALA C 37 -9.74 -26.68 21.99
N ASP C 38 -8.85 -25.95 21.33
CA ASP C 38 -8.47 -26.28 19.95
C ASP C 38 -6.95 -26.21 19.82
N ASP C 39 -6.34 -27.37 19.60
CA ASP C 39 -4.89 -27.49 19.44
CA ASP C 39 -4.89 -27.45 19.46
C ASP C 39 -4.42 -26.91 18.11
N GLY C 40 -5.30 -26.83 17.12
CA GLY C 40 -4.93 -26.42 15.79
C GLY C 40 -4.19 -27.52 15.06
N PRO C 41 -3.83 -27.26 13.79
CA PRO C 41 -3.25 -28.30 12.96
C PRO C 41 -1.73 -28.42 13.00
N CYS C 42 -1.03 -27.47 13.59
CA CYS C 42 0.42 -27.49 13.52
C CYS C 42 0.97 -28.30 14.69
N LYS C 43 2.28 -28.56 14.65
CA LYS C 43 2.87 -29.63 15.45
C LYS C 43 3.87 -29.14 16.50
N ALA C 44 3.91 -27.85 16.81
CA ALA C 44 4.71 -27.38 17.92
C ALA C 44 4.12 -27.89 19.24
N ILE C 45 4.88 -27.76 20.30
CA ILE C 45 4.46 -28.17 21.64
C ILE C 45 4.50 -26.92 22.52
N MET C 46 3.37 -26.23 22.66
N MET C 46 3.38 -26.23 22.63
CA MET C 46 3.28 -24.96 23.39
CA MET C 46 3.28 -24.99 23.41
C MET C 46 2.21 -25.05 24.47
C MET C 46 2.24 -25.17 24.49
N LYS C 47 2.61 -24.83 25.72
CA LYS C 47 1.67 -24.84 26.83
C LYS C 47 0.82 -23.58 26.78
N ARG C 48 -0.49 -23.75 26.77
CA ARG C 48 -1.43 -22.65 26.86
C ARG C 48 -2.54 -23.07 27.81
N PHE C 49 -3.47 -22.17 28.06
CA PHE C 49 -4.57 -22.43 28.97
C PHE C 49 -5.89 -22.07 28.31
N PHE C 50 -6.94 -22.83 28.67
CA PHE C 50 -8.30 -22.52 28.21
C PHE C 50 -9.26 -22.65 29.37
N PHE C 51 -10.38 -21.93 29.30
CA PHE C 51 -11.48 -22.15 30.23
C PHE C 51 -12.27 -23.38 29.80
N ASN C 52 -12.33 -24.39 30.66
CA ASN C 52 -13.06 -25.61 30.36
C ASN C 52 -14.50 -25.42 30.83
N ILE C 53 -15.44 -25.42 29.88
CA ILE C 53 -16.83 -25.14 30.22
C ILE C 53 -17.51 -26.29 30.96
N PHE C 54 -16.90 -27.47 31.01
CA PHE C 54 -17.46 -28.54 31.81
C PHE C 54 -17.00 -28.44 33.27
N THR C 55 -15.70 -28.39 33.49
CA THR C 55 -15.15 -28.36 34.85
C THR C 55 -15.27 -26.98 35.47
N ARG C 56 -15.56 -25.97 34.65
CA ARG C 56 -15.67 -24.60 35.09
C ARG C 56 -14.37 -24.10 35.71
N GLN C 57 -13.26 -24.61 35.20
CA GLN C 57 -11.93 -24.23 35.64
C GLN C 57 -11.04 -23.98 34.44
N CYS C 58 -10.04 -23.14 34.65
CA CYS C 58 -8.98 -22.94 33.67
C CYS C 58 -8.04 -24.13 33.71
N GLU C 59 -7.63 -24.60 32.53
CA GLU C 59 -6.88 -25.82 32.38
C GLU C 59 -5.79 -25.67 31.33
N GLU C 60 -4.70 -26.41 31.51
CA GLU C 60 -3.61 -26.40 30.55
C GLU C 60 -3.95 -27.26 29.35
N PHE C 61 -3.49 -26.84 28.17
CA PHE C 61 -3.52 -27.73 27.00
C PHE C 61 -2.32 -27.42 26.13
N ILE C 62 -2.02 -28.32 25.20
CA ILE C 62 -0.90 -28.18 24.29
C ILE C 62 -1.40 -27.61 22.98
N TYR C 63 -0.87 -26.46 22.61
CA TYR C 63 -1.21 -25.75 21.39
C TYR C 63 -0.12 -25.97 20.37
N GLY C 64 -0.52 -26.31 19.15
CA GLY C 64 0.42 -26.62 18.08
C GLY C 64 1.09 -25.45 17.40
N GLY C 65 0.70 -24.22 17.76
CA GLY C 65 1.37 -23.02 17.30
C GLY C 65 0.61 -22.20 16.27
N CYS C 66 -0.45 -22.74 15.67
CA CYS C 66 -1.20 -22.04 14.63
CA CYS C 66 -1.20 -22.00 14.66
C CYS C 66 -2.68 -22.29 14.80
N GLU C 67 -3.48 -21.36 14.27
CA GLU C 67 -4.96 -21.44 14.21
C GLU C 67 -5.50 -21.59 15.65
N GLY C 68 -6.52 -22.41 15.86
CA GLY C 68 -7.15 -22.51 17.16
C GLY C 68 -8.36 -21.61 17.31
N ASN C 69 -8.65 -21.15 18.53
CA ASN C 69 -9.70 -20.17 18.73
C ASN C 69 -9.33 -19.30 19.93
N GLN C 70 -10.21 -18.34 20.25
CA GLN C 70 -9.89 -17.28 21.19
C GLN C 70 -9.82 -17.76 22.65
N ASN C 71 -10.22 -19.00 22.94
CA ASN C 71 -10.11 -19.55 24.28
C ASN C 71 -8.72 -20.14 24.49
N ARG C 72 -7.74 -19.25 24.50
CA ARG C 72 -6.34 -19.64 24.53
C ARG C 72 -5.55 -18.51 25.17
N PHE C 73 -4.98 -18.79 26.34
CA PHE C 73 -4.32 -17.80 27.21
C PHE C 73 -2.91 -18.26 27.51
N GLU C 74 -2.01 -17.29 27.65
CA GLU C 74 -0.62 -17.65 27.82
C GLU C 74 -0.30 -18.17 29.21
N SER C 75 -1.07 -17.74 30.21
CA SER C 75 -0.83 -18.15 31.59
C SER C 75 -2.14 -18.47 32.26
N LEU C 76 -2.03 -19.26 33.34
CA LEU C 76 -3.21 -19.64 34.11
C LEU C 76 -3.92 -18.42 34.67
N GLU C 77 -3.14 -17.47 35.19
CA GLU C 77 -3.73 -16.29 35.83
C GLU C 77 -4.46 -15.41 34.82
N GLU C 78 -3.92 -15.29 33.60
CA GLU C 78 -4.62 -14.54 32.57
C GLU C 78 -5.94 -15.20 32.22
N CYS C 79 -5.96 -16.53 32.12
CA CYS C 79 -7.21 -17.23 31.87
C CYS C 79 -8.18 -16.99 33.03
N LYS C 80 -7.69 -17.09 34.26
CA LYS C 80 -8.55 -16.88 35.41
C LYS C 80 -9.11 -15.47 35.44
N LYS C 81 -8.27 -14.47 35.15
CA LYS C 81 -8.75 -13.08 35.15
C LYS C 81 -9.81 -12.87 34.09
N MET C 82 -9.61 -13.45 32.92
CA MET C 82 -10.56 -13.27 31.81
C MET C 82 -11.85 -14.05 32.05
N CYS C 83 -11.74 -15.28 32.57
CA CYS C 83 -12.85 -16.22 32.47
C CYS C 83 -13.51 -16.64 33.77
N THR C 84 -12.95 -16.29 34.92
CA THR C 84 -13.53 -16.75 36.20
C THR C 84 -13.84 -15.58 37.15
C1 GOL D . 5.04 4.92 -17.11
O1 GOL D . 5.23 6.07 -17.93
C2 GOL D . 5.73 5.08 -15.75
O2 GOL D . 7.14 4.93 -15.91
C3 GOL D . 5.46 6.41 -15.03
O3 GOL D . 6.18 6.47 -13.80
H11 GOL D . 5.44 4.05 -17.62
H12 GOL D . 3.98 4.76 -16.96
HO1 GOL D . 4.84 5.91 -18.81
H2 GOL D . 5.37 4.28 -15.10
HO2 GOL D . 7.49 5.67 -16.45
H31 GOL D . 4.40 6.52 -14.85
H32 GOL D . 5.77 7.25 -15.67
HO3 GOL D . 6.04 5.63 -13.31
C1 GOL E . 0.69 2.26 2.58
O1 GOL E . 2.02 2.27 2.12
C2 GOL E . -0.22 2.19 1.36
O2 GOL E . 0.20 3.20 0.47
C3 GOL E . -0.13 0.82 0.70
O3 GOL E . -1.35 0.51 0.06
H11 GOL E . 0.49 3.16 3.15
H12 GOL E . 0.53 1.39 3.22
HO1 GOL E . 2.63 2.37 2.88
H2 GOL E . -1.24 2.37 1.68
HO2 GOL E . 1.13 3.03 0.20
H31 GOL E . 0.08 0.06 1.46
H32 GOL E . 0.68 0.81 -0.02
HO3 GOL E . -1.69 1.32 -0.38
C1 GOL F . -3.48 6.15 16.88
O1 GOL F . -3.20 7.41 16.29
C2 GOL F . -3.69 5.22 15.70
O2 GOL F . -2.45 4.59 15.49
C3 GOL F . -4.84 4.24 15.93
O3 GOL F . -4.54 2.99 15.32
H11 GOL F . -4.38 6.21 17.49
H12 GOL F . -2.65 5.82 17.49
HO1 GOL F . -3.12 8.09 16.99
H2 GOL F . -3.92 5.82 14.83
HO2 GOL F . -2.23 4.03 16.28
H31 GOL F . -5.76 4.64 15.48
H32 GOL F . -5.02 4.11 16.99
HO3 GOL F . -3.60 2.78 15.47
C1 GOL G . -7.42 -10.22 1.42
O1 GOL G . -7.22 -9.98 0.04
C2 GOL G . -6.33 -9.51 2.24
O2 GOL G . -5.14 -10.28 2.30
C3 GOL G . -6.15 -8.16 1.57
O3 GOL G . -5.48 -7.17 2.31
H11 GOL G . -8.40 -9.87 1.72
H12 GOL G . -7.37 -11.30 1.61
HO1 GOL G . -7.86 -10.49 -0.48
H2 GOL G . -6.71 -9.34 3.26
HO2 GOL G . -4.81 -10.44 1.39
H31 GOL G . -5.60 -8.31 0.64
H32 GOL G . -7.13 -7.77 1.30
HO3 GOL G . -6.11 -6.70 2.88
#